data_5SC4
#
_entry.id   5SC4
#
_cell.length_a   30.948
_cell.length_b   82.199
_cell.length_c   32.246
_cell.angle_alpha   90.000
_cell.angle_beta   117.730
_cell.angle_gamma   90.000
#
_symmetry.space_group_name_H-M   'P 1 21 1'
#
loop_
_entity.id
_entity.type
_entity.pdbx_description
1 polymer 'CD44 antigen'
2 non-polymer (2R)-2-amino-1-[(2S)-2-methylpiperidin-1-yl]propan-1-one
3 non-polymer 'DIMETHYL SULFOXIDE'
4 non-polymer 1,2-ETHANEDIOL
5 water water
#
_entity_poly.entity_id   1
_entity_poly.type   'polypeptide(L)'
_entity_poly.pdbx_seq_one_letter_code
;MNQIDLNVTCRYAGVFHVEKNGRYSISRTEAADLCQAFNSTLPTMDQMKLALSKGFETCRYGFIEGNVVIPRIHPNAICA
ANHTGVYILVTSNTSHYDTYCFNASAPPEEDCTSVTDLPNSFDGPVTITIVNRDGTRYSKKGEYRTHQEDID
;
_entity_poly.pdbx_strand_id   A
#
# COMPACT_ATOMS: atom_id res chain seq x y z
N ASN A 2 -0.82 -19.01 -10.70
CA ASN A 2 -0.20 -17.70 -10.94
C ASN A 2 -1.07 -16.68 -10.24
N GLN A 3 -0.73 -16.40 -8.99
CA GLN A 3 -1.61 -15.62 -8.14
C GLN A 3 -0.85 -14.65 -7.28
N ILE A 4 -1.45 -13.47 -7.09
CA ILE A 4 -0.91 -12.44 -6.19
C ILE A 4 -2.02 -12.00 -5.27
N ASP A 5 -1.76 -11.98 -3.94
N ASP A 5 -1.74 -11.94 -3.95
CA ASP A 5 -2.68 -11.45 -2.94
CA ASP A 5 -2.70 -11.45 -2.97
C ASP A 5 -2.18 -10.06 -2.58
C ASP A 5 -2.23 -10.10 -2.46
N LEU A 6 -3.12 -9.12 -2.49
CA LEU A 6 -2.80 -7.75 -2.08
C LEU A 6 -3.70 -7.41 -0.90
N ASN A 7 -3.13 -7.40 0.30
CA ASN A 7 -3.91 -7.03 1.50
C ASN A 7 -3.87 -5.51 1.61
N VAL A 8 -5.08 -4.90 1.71
CA VAL A 8 -5.21 -3.43 1.75
C VAL A 8 -5.94 -2.97 3.00
N THR A 9 -5.72 -1.71 3.35
CA THR A 9 -6.35 -1.12 4.50
C THR A 9 -7.44 -0.13 4.15
N CYS A 10 -8.08 0.41 5.21
CA CYS A 10 -8.82 1.67 5.15
C CYS A 10 -7.93 2.75 4.45
N ARG A 11 -8.59 3.74 3.85
CA ARG A 11 -7.89 4.90 3.31
C ARG A 11 -8.08 6.04 4.32
N TYR A 12 -7.07 6.86 4.49
CA TYR A 12 -7.09 8.02 5.36
C TYR A 12 -6.61 9.21 4.56
N ALA A 13 -7.54 10.14 4.23
CA ALA A 13 -7.18 11.23 3.32
C ALA A 13 -6.52 10.66 2.03
N GLY A 14 -7.10 9.54 1.54
CA GLY A 14 -6.67 8.89 0.31
C GLY A 14 -5.49 7.97 0.42
N VAL A 15 -4.79 7.92 1.56
CA VAL A 15 -3.61 7.07 1.72
C VAL A 15 -4.02 5.72 2.30
N PHE A 16 -3.40 4.66 1.75
CA PHE A 16 -3.66 3.31 2.24
C PHE A 16 -2.37 2.50 2.12
N HIS A 17 -2.37 1.36 2.82
CA HIS A 17 -1.22 0.42 2.84
C HIS A 17 -1.61 -0.84 2.04
N VAL A 18 -0.59 -1.36 1.31
CA VAL A 18 -0.75 -2.57 0.51
C VAL A 18 0.43 -3.50 0.86
N GLU A 19 0.09 -4.75 1.28
CA GLU A 19 1.09 -5.79 1.58
C GLU A 19 0.85 -6.89 0.55
N LYS A 20 1.92 -7.28 -0.15
CA LYS A 20 1.82 -8.31 -1.18
CA LYS A 20 1.81 -8.31 -1.18
C LYS A 20 2.22 -9.67 -0.65
N ASN A 21 1.37 -10.66 -0.85
CA ASN A 21 1.66 -12.06 -0.50
C ASN A 21 2.09 -12.26 0.93
N GLY A 22 1.59 -11.44 1.82
CA GLY A 22 1.81 -11.64 3.24
C GLY A 22 3.25 -11.55 3.70
N ARG A 23 4.09 -10.86 2.93
CA ARG A 23 5.48 -10.66 3.36
CA ARG A 23 5.52 -10.72 3.27
C ARG A 23 6.05 -9.44 2.66
N TYR A 24 7.18 -8.90 3.19
CA TYR A 24 7.82 -7.77 2.53
C TYR A 24 8.34 -8.26 1.17
N SER A 25 7.76 -7.78 0.07
CA SER A 25 8.07 -8.37 -1.25
C SER A 25 7.96 -7.43 -2.41
N ILE A 26 7.88 -6.12 -2.12
CA ILE A 26 7.70 -5.14 -3.19
C ILE A 26 8.95 -4.30 -3.37
N SER A 27 9.44 -4.18 -4.60
CA SER A 27 10.52 -3.28 -4.93
C SER A 27 9.99 -1.85 -5.13
N ARG A 28 10.87 -0.83 -5.17
CA ARG A 28 10.39 0.53 -5.42
C ARG A 28 9.72 0.65 -6.80
N THR A 29 10.28 -0.01 -7.85
CA THR A 29 9.61 0.09 -9.17
C THR A 29 8.27 -0.62 -9.16
N GLU A 30 8.18 -1.76 -8.48
CA GLU A 30 6.90 -2.48 -8.42
CA GLU A 30 6.92 -2.46 -8.43
C GLU A 30 5.88 -1.67 -7.65
N ALA A 31 6.31 -0.95 -6.61
CA ALA A 31 5.41 -0.16 -5.80
C ALA A 31 4.72 0.90 -6.62
N ALA A 32 5.50 1.63 -7.46
CA ALA A 32 4.90 2.67 -8.29
C ALA A 32 3.87 2.07 -9.24
N ASP A 33 4.21 0.91 -9.85
CA ASP A 33 3.30 0.26 -10.78
C ASP A 33 2.03 -0.25 -10.08
N LEU A 34 2.20 -0.76 -8.86
CA LEU A 34 1.08 -1.28 -8.11
CA LEU A 34 1.10 -1.28 -8.06
C LEU A 34 0.12 -0.15 -7.75
N CYS A 35 0.65 1.00 -7.27
CA CYS A 35 -0.24 2.14 -6.98
C CYS A 35 -0.94 2.61 -8.26
N GLN A 36 -0.20 2.62 -9.40
CA GLN A 36 -0.82 3.03 -10.67
C GLN A 36 -2.00 2.14 -11.04
N ALA A 37 -1.98 0.84 -10.70
CA ALA A 37 -3.11 -0.06 -10.96
C ALA A 37 -4.34 0.29 -10.12
N PHE A 38 -4.15 0.96 -8.96
CA PHE A 38 -5.22 1.46 -8.13
C PHE A 38 -5.53 2.94 -8.48
N ASN A 39 -5.12 3.44 -9.68
CA ASN A 39 -5.32 4.86 -10.05
CA ASN A 39 -5.33 4.84 -10.04
C ASN A 39 -4.76 5.78 -8.96
N SER A 40 -3.62 5.35 -8.38
CA SER A 40 -3.00 6.03 -7.26
C SER A 40 -1.52 6.25 -7.53
N THR A 41 -0.86 6.98 -6.62
CA THR A 41 0.55 7.26 -6.69
C THR A 41 1.19 6.99 -5.36
N LEU A 42 2.52 6.91 -5.33
CA LEU A 42 3.20 6.82 -4.02
CA LEU A 42 3.23 6.82 -4.04
C LEU A 42 2.91 8.13 -3.27
N PRO A 43 2.52 8.08 -2.00
CA PRO A 43 2.20 9.34 -1.30
C PRO A 43 3.43 10.23 -1.18
N THR A 44 3.21 11.54 -1.16
CA THR A 44 4.26 12.45 -0.74
C THR A 44 4.31 12.38 0.80
N MET A 45 5.43 12.85 1.38
CA MET A 45 5.53 12.92 2.84
C MET A 45 4.38 13.82 3.41
N ASP A 46 4.06 14.96 2.75
CA ASP A 46 2.95 15.78 3.24
C ASP A 46 1.63 15.02 3.21
N GLN A 47 1.38 14.26 2.14
CA GLN A 47 0.12 13.48 2.06
C GLN A 47 0.07 12.45 3.20
N MET A 48 1.21 11.79 3.47
CA MET A 48 1.27 10.80 4.54
C MET A 48 1.06 11.46 5.89
N LYS A 49 1.68 12.63 6.14
CA LYS A 49 1.47 13.30 7.43
C LYS A 49 0.01 13.67 7.64
N LEU A 50 -0.70 14.08 6.57
CA LEU A 50 -2.11 14.42 6.74
C LEU A 50 -2.91 13.13 7.05
N ALA A 51 -2.61 12.03 6.36
CA ALA A 51 -3.27 10.74 6.64
C ALA A 51 -3.10 10.32 8.08
N LEU A 52 -1.85 10.43 8.59
CA LEU A 52 -1.54 10.15 10.00
CA LEU A 52 -1.59 10.10 9.98
C LEU A 52 -2.45 10.95 10.92
N SER A 53 -2.58 12.25 10.61
CA SER A 53 -3.40 13.13 11.47
C SER A 53 -4.88 12.72 11.49
N LYS A 54 -5.36 12.04 10.45
CA LYS A 54 -6.74 11.58 10.36
C LYS A 54 -6.95 10.20 10.99
N GLY A 55 -5.87 9.55 11.47
CA GLY A 55 -6.05 8.26 12.15
C GLY A 55 -5.24 7.11 11.58
N PHE A 56 -4.42 7.35 10.56
CA PHE A 56 -3.67 6.25 9.92
C PHE A 56 -2.42 5.83 10.67
N GLU A 57 -2.35 4.53 11.01
CA GLU A 57 -1.10 3.95 11.50
C GLU A 57 -1.04 2.52 11.04
N THR A 58 0.19 2.04 10.84
CA THR A 58 0.43 0.61 10.55
C THR A 58 1.63 0.17 11.43
N CYS A 59 1.99 -1.12 11.32
CA CYS A 59 3.21 -1.63 11.93
C CYS A 59 4.10 -2.28 10.86
N ARG A 60 4.12 -1.69 9.65
CA ARG A 60 4.87 -2.28 8.54
C ARG A 60 5.58 -1.20 7.74
N TYR A 61 6.82 -1.47 7.36
CA TYR A 61 7.54 -0.56 6.46
C TYR A 61 6.94 -0.57 5.06
N GLY A 62 6.78 0.62 4.50
CA GLY A 62 6.33 0.72 3.12
C GLY A 62 6.85 1.96 2.43
N PHE A 63 6.97 1.88 1.09
CA PHE A 63 7.42 3.02 0.32
C PHE A 63 6.39 4.15 0.34
N ILE A 64 6.97 5.37 0.36
CA ILE A 64 6.28 6.59 -0.06
C ILE A 64 7.26 7.19 -1.11
N GLU A 65 6.94 8.37 -1.65
CA GLU A 65 7.91 9.04 -2.53
C GLU A 65 9.13 9.44 -1.70
N GLY A 66 10.29 8.91 -2.06
CA GLY A 66 11.56 9.31 -1.49
C GLY A 66 12.04 8.55 -0.29
N ASN A 67 11.15 7.88 0.46
CA ASN A 67 11.57 7.18 1.67
C ASN A 67 10.74 5.91 1.90
N VAL A 68 11.15 5.13 2.89
CA VAL A 68 10.41 3.98 3.38
C VAL A 68 10.02 4.33 4.83
N VAL A 69 8.74 4.20 5.18
CA VAL A 69 8.23 4.72 6.44
C VAL A 69 7.24 3.78 7.12
N ILE A 70 6.94 4.11 8.37
CA ILE A 70 5.86 3.53 9.15
C ILE A 70 5.11 4.68 9.82
N PRO A 71 3.82 4.93 9.48
CA PRO A 71 3.06 5.95 10.23
C PRO A 71 2.64 5.36 11.57
N ARG A 72 2.92 6.13 12.66
CA ARG A 72 2.60 5.68 14.01
C ARG A 72 1.83 6.73 14.78
N ILE A 73 0.77 6.31 15.44
CA ILE A 73 0.01 7.19 16.33
C ILE A 73 0.35 6.80 17.77
N HIS A 74 0.16 5.51 18.10
CA HIS A 74 0.39 5.06 19.48
C HIS A 74 1.77 4.44 19.61
N PRO A 75 2.52 4.79 20.67
CA PRO A 75 3.85 4.17 20.83
C PRO A 75 3.70 2.69 21.14
N ASN A 76 4.36 1.86 20.35
CA ASN A 76 4.37 0.41 20.59
C ASN A 76 5.80 -0.04 20.41
N ALA A 77 6.35 -0.76 21.41
CA ALA A 77 7.75 -1.14 21.38
C ALA A 77 8.19 -1.96 20.16
N ILE A 78 7.28 -2.74 19.56
CA ILE A 78 7.65 -3.55 18.40
C ILE A 78 7.27 -2.91 17.04
N CYS A 79 6.81 -1.66 17.07
CA CYS A 79 6.47 -0.95 15.85
C CYS A 79 7.27 0.32 15.78
N ALA A 80 8.26 0.39 14.89
CA ALA A 80 9.08 1.59 14.71
C ALA A 80 9.80 2.02 15.99
N ALA A 81 10.29 1.04 16.75
CA ALA A 81 11.06 1.31 17.98
C ALA A 81 10.38 2.32 18.91
N ASN A 82 9.06 2.17 19.10
CA ASN A 82 8.25 2.98 20.02
C ASN A 82 8.03 4.44 19.60
N HIS A 83 8.41 4.80 18.37
CA HIS A 83 8.23 6.17 17.91
C HIS A 83 6.80 6.47 17.53
N THR A 84 6.48 7.75 17.51
CA THR A 84 5.22 8.26 16.95
C THR A 84 5.55 9.19 15.79
N GLY A 85 4.53 9.51 14.98
CA GLY A 85 4.72 10.31 13.79
C GLY A 85 5.04 9.43 12.60
N VAL A 86 5.40 10.05 11.48
CA VAL A 86 5.82 9.27 10.32
C VAL A 86 7.28 8.85 10.59
N TYR A 87 7.49 7.59 10.95
CA TYR A 87 8.83 7.09 11.25
C TYR A 87 9.53 6.75 9.96
N ILE A 88 10.70 7.32 9.77
CA ILE A 88 11.48 7.09 8.55
C ILE A 88 12.56 6.04 8.78
N LEU A 89 12.57 5.01 7.94
CA LEU A 89 13.64 3.99 7.98
C LEU A 89 14.94 4.65 7.55
N VAL A 90 15.98 4.51 8.37
CA VAL A 90 17.28 5.11 8.05
C VAL A 90 18.27 4.09 7.52
N THR A 91 18.42 2.93 8.21
CA THR A 91 19.47 1.99 7.87
C THR A 91 18.89 0.62 7.68
N SER A 92 19.10 0.07 6.48
CA SER A 92 18.67 -1.29 6.18
C SER A 92 19.58 -1.83 5.10
N ASN A 93 19.86 -3.13 5.14
CA ASN A 93 20.66 -3.74 4.07
C ASN A 93 19.81 -3.99 2.82
N THR A 94 18.48 -4.10 2.99
CA THR A 94 17.60 -4.73 2.01
C THR A 94 16.65 -3.76 1.31
N SER A 95 16.04 -4.22 0.20
CA SER A 95 15.36 -3.36 -0.74
C SER A 95 13.86 -3.54 -0.90
N HIS A 96 13.29 -4.59 -0.29
CA HIS A 96 11.89 -4.95 -0.53
C HIS A 96 11.02 -4.73 0.68
N TYR A 97 9.93 -3.99 0.49
CA TYR A 97 9.06 -3.60 1.60
C TYR A 97 7.60 -3.78 1.18
N ASP A 98 6.65 -3.25 1.95
CA ASP A 98 5.28 -3.12 1.47
C ASP A 98 5.23 -1.78 0.71
N THR A 99 4.02 -1.29 0.36
CA THR A 99 3.92 0.07 -0.18
C THR A 99 2.74 0.79 0.43
N TYR A 100 2.84 2.11 0.38
CA TYR A 100 1.65 2.94 0.57
C TYR A 100 1.25 3.47 -0.80
N CYS A 101 -0.02 3.85 -0.94
CA CYS A 101 -0.57 4.44 -2.18
C CYS A 101 -1.50 5.57 -1.78
N PHE A 102 -1.67 6.54 -2.68
CA PHE A 102 -2.52 7.70 -2.49
C PHE A 102 -3.48 7.82 -3.64
N ASN A 103 -4.80 7.82 -3.32
CA ASN A 103 -5.88 7.97 -4.30
CA ASN A 103 -5.82 8.02 -4.32
C ASN A 103 -6.53 9.33 -4.04
N ALA A 104 -6.36 10.26 -4.97
CA ALA A 104 -6.89 11.61 -4.81
C ALA A 104 -8.37 11.72 -4.77
N SER A 105 -9.09 10.73 -5.31
CA SER A 105 -10.55 10.73 -5.36
CA SER A 105 -10.55 10.80 -5.32
C SER A 105 -11.23 10.09 -4.15
N ALA A 106 -10.45 9.55 -3.21
CA ALA A 106 -11.00 8.93 -2.02
C ALA A 106 -11.57 10.01 -1.09
N PRO A 107 -12.28 9.62 -0.04
CA PRO A 107 -12.84 10.63 0.89
C PRO A 107 -11.74 11.39 1.65
N PRO A 108 -12.06 12.57 2.21
CA PRO A 108 -11.01 13.38 2.82
C PRO A 108 -10.50 12.86 4.16
N GLU A 109 -11.30 12.06 4.88
CA GLU A 109 -10.89 11.65 6.21
C GLU A 109 -10.79 10.10 6.27
N GLU A 110 -11.31 9.46 7.31
CA GLU A 110 -11.18 8.00 7.39
C GLU A 110 -12.23 7.34 6.51
N ASP A 111 -11.79 6.44 5.63
CA ASP A 111 -12.68 5.65 4.80
C ASP A 111 -12.36 4.18 5.04
N CYS A 112 -13.14 3.55 5.91
CA CYS A 112 -12.97 2.14 6.23
C CYS A 112 -13.97 1.25 5.53
N THR A 113 -14.46 1.69 4.35
CA THR A 113 -15.18 0.79 3.48
C THR A 113 -14.14 -0.10 2.81
N SER A 114 -14.59 -1.20 2.22
CA SER A 114 -13.71 -2.13 1.55
C SER A 114 -13.34 -1.63 0.13
N VAL A 115 -12.21 -2.14 -0.36
CA VAL A 115 -11.74 -1.89 -1.74
C VAL A 115 -12.33 -3.02 -2.59
N THR A 116 -13.01 -2.66 -3.70
CA THR A 116 -13.75 -3.61 -4.53
C THR A 116 -13.38 -3.54 -5.99
N ASP A 117 -12.21 -2.98 -6.34
CA ASP A 117 -11.81 -2.87 -7.74
C ASP A 117 -10.29 -2.62 -7.80
N LEU A 118 -9.69 -2.96 -8.94
CA LEU A 118 -8.29 -2.69 -9.24
C LEU A 118 -8.45 -2.07 -10.64
N PRO A 119 -8.76 -0.76 -10.73
CA PRO A 119 -9.32 -0.22 -11.98
C PRO A 119 -8.38 -0.04 -13.14
N ASN A 120 -7.10 0.05 -12.87
CA ASN A 120 -6.13 0.36 -13.91
C ASN A 120 -5.09 -0.71 -14.13
N SER A 121 -5.40 -1.97 -13.74
CA SER A 121 -4.51 -3.07 -14.11
C SER A 121 -4.68 -3.30 -15.64
N PHE A 122 -3.72 -3.98 -16.22
CA PHE A 122 -3.74 -4.22 -17.66
C PHE A 122 -3.90 -5.72 -17.94
N ASP A 123 -4.06 -6.07 -19.22
CA ASP A 123 -4.24 -7.46 -19.62
C ASP A 123 -3.01 -8.29 -19.16
N GLY A 124 -3.29 -9.48 -18.67
CA GLY A 124 -2.22 -10.38 -18.28
C GLY A 124 -2.75 -11.66 -17.69
N PRO A 125 -1.83 -12.52 -17.26
CA PRO A 125 -2.23 -13.88 -16.87
C PRO A 125 -2.41 -14.16 -15.39
N VAL A 126 -2.14 -13.17 -14.55
CA VAL A 126 -2.13 -13.38 -13.11
C VAL A 126 -3.50 -13.22 -12.49
N THR A 127 -3.88 -14.11 -11.55
CA THR A 127 -5.08 -13.89 -10.75
C THR A 127 -4.67 -12.97 -9.58
N ILE A 128 -5.16 -11.75 -9.60
CA ILE A 128 -4.82 -10.76 -8.57
C ILE A 128 -6.01 -10.66 -7.64
N THR A 129 -5.79 -10.90 -6.34
CA THR A 129 -6.86 -10.84 -5.36
C THR A 129 -6.60 -9.76 -4.34
N ILE A 130 -7.51 -8.82 -4.25
CA ILE A 130 -7.50 -7.77 -3.23
CA ILE A 130 -7.51 -7.78 -3.24
C ILE A 130 -8.19 -8.36 -2.01
N VAL A 131 -7.49 -8.36 -0.88
CA VAL A 131 -8.01 -8.89 0.37
C VAL A 131 -8.17 -7.74 1.37
N ASN A 132 -9.39 -7.47 1.78
CA ASN A 132 -9.66 -6.45 2.77
C ASN A 132 -9.43 -6.97 4.16
N ARG A 133 -9.33 -6.06 5.14
CA ARG A 133 -9.10 -6.47 6.51
CA ARG A 133 -9.10 -6.49 6.52
C ARG A 133 -10.28 -7.27 7.06
N ASP A 134 -11.52 -6.97 6.57
CA ASP A 134 -12.69 -7.74 6.99
C ASP A 134 -12.84 -9.03 6.20
N GLY A 135 -11.83 -9.40 5.39
CA GLY A 135 -11.80 -10.67 4.66
C GLY A 135 -12.48 -10.66 3.31
N THR A 136 -13.26 -9.59 3.02
CA THR A 136 -13.91 -9.53 1.71
C THR A 136 -12.86 -9.42 0.62
N ARG A 137 -13.13 -10.10 -0.51
CA ARG A 137 -12.16 -10.22 -1.58
CA ARG A 137 -12.16 -10.21 -1.58
C ARG A 137 -12.71 -9.80 -2.93
N TYR A 138 -11.83 -9.29 -3.77
CA TYR A 138 -12.15 -8.93 -5.16
C TYR A 138 -11.01 -9.51 -5.99
N SER A 139 -11.32 -10.28 -7.02
CA SER A 139 -10.27 -10.88 -7.84
C SER A 139 -10.46 -10.52 -9.29
N LYS A 140 -9.34 -10.42 -10.02
CA LYS A 140 -9.40 -10.20 -11.47
CA LYS A 140 -9.33 -10.04 -11.43
C LYS A 140 -8.13 -10.73 -12.07
N LYS A 141 -8.25 -11.15 -13.34
CA LYS A 141 -7.10 -11.66 -14.08
C LYS A 141 -6.42 -10.46 -14.76
N GLY A 142 -5.12 -10.32 -14.59
CA GLY A 142 -4.41 -9.22 -15.22
C GLY A 142 -2.95 -9.18 -14.88
N GLU A 143 -2.41 -7.96 -14.97
CA GLU A 143 -1.02 -7.71 -14.59
C GLU A 143 -0.90 -6.22 -14.27
N TYR A 144 0.07 -5.87 -13.42
CA TYR A 144 0.35 -4.47 -13.12
C TYR A 144 1.85 -4.14 -13.21
N ARG A 145 2.73 -5.15 -13.24
CA ARG A 145 4.18 -4.94 -13.24
C ARG A 145 4.67 -4.62 -14.61
N THR A 146 5.31 -3.48 -14.79
CA THR A 146 5.86 -3.07 -16.07
C THR A 146 7.34 -3.38 -16.22
N HIS A 147 8.03 -3.71 -15.13
CA HIS A 147 9.47 -3.99 -15.17
C HIS A 147 9.69 -5.51 -15.08
N GLN A 148 10.32 -6.14 -16.12
CA GLN A 148 10.54 -7.59 -16.11
C GLN A 148 11.30 -8.10 -14.89
N GLU A 149 12.24 -7.30 -14.35
CA GLU A 149 12.99 -7.71 -13.16
C GLU A 149 12.10 -7.89 -11.92
N ASP A 150 10.90 -7.28 -11.92
CA ASP A 150 9.93 -7.45 -10.83
C ASP A 150 9.04 -8.70 -11.03
N ILE A 151 9.07 -9.34 -12.19
CA ILE A 151 8.22 -10.50 -12.47
C ILE A 151 8.96 -11.82 -12.24
#